data_6HVE
#
_entry.id   6HVE
#
_cell.length_a   42.140
_cell.length_b   63.600
_cell.length_c   74.490
_cell.angle_alpha   101.43
_cell.angle_beta   90.81
_cell.angle_gamma   91.13
#
_symmetry.space_group_name_H-M   'P 1'
#
loop_
_entity.id
_entity.type
_entity.pdbx_description
1 polymer 'Proto-oncogene tyrosine-protein kinase Src'
2 non-polymer ~{N}-[3-(4-methoxy-7~{H}-pyrrolo[2,3-d]pyrimidin-5-yl)phenyl]prop-2-enamide
3 water water
#
_entity_poly.entity_id   1
_entity_poly.type   'polypeptide(L)'
_entity_poly.pdbx_seq_one_letter_code
;GHMQTQGLAKDAWEIPRESLRLEVKLGQGCFGEVWMGTWNGTTRVAIKTLKPGTMSPEAFLQEAQVMKKLRHEKLVQLYA
VVSEEPIYIVMEYMSKGCLLDFLKGEMGKYLRLPQLVDMAAQIASGMAYVERMNYVHRDLRAANILVGENLVCKVADFGL
ARLIEDNEYTARQGAKFPIKWTAPEAALYGRFTIKSDVWSFGILLTELTTKGRVPYPGMVNREVLDQVERGYRMPCPPEC
PESLHDLMCQCWRKDPEERPTFEYLQAFLEDYFTSTEPQYQPGENL
;
_entity_poly.pdbx_strand_id   A,B
#
loop_
_chem_comp.id
_chem_comp.type
_chem_comp.name
_chem_comp.formula
GUW non-polymer ~{N}-[3-(4-methoxy-7~{H}-pyrrolo[2,3-d]pyrimidin-5-yl)phenyl]prop-2-enamide 'C16 H14 N4 O2'
#
# COMPACT_ATOMS: atom_id res chain seq x y z
N ALA A 9 -24.31 -11.35 37.36
CA ALA A 9 -25.00 -11.62 36.12
C ALA A 9 -24.01 -11.73 34.95
N LYS A 10 -24.00 -12.88 34.28
CA LYS A 10 -23.05 -13.21 33.24
C LYS A 10 -23.62 -12.90 31.86
N ASP A 11 -22.73 -12.67 30.90
CA ASP A 11 -23.19 -12.47 29.54
C ASP A 11 -23.01 -13.75 28.74
N ALA A 12 -23.35 -13.67 27.45
CA ALA A 12 -23.42 -14.83 26.57
C ALA A 12 -22.07 -15.32 26.10
N TRP A 13 -20.98 -14.66 26.49
CA TRP A 13 -19.63 -15.17 26.27
C TRP A 13 -19.21 -16.19 27.32
N GLU A 14 -19.91 -16.26 28.45
CA GLU A 14 -19.49 -17.06 29.58
C GLU A 14 -19.67 -18.55 29.28
N ILE A 15 -18.71 -19.36 29.68
CA ILE A 15 -18.84 -20.81 29.57
C ILE A 15 -18.52 -21.42 30.93
N PRO A 16 -18.91 -22.67 31.16
CA PRO A 16 -18.47 -23.36 32.38
C PRO A 16 -17.06 -23.89 32.21
N ARG A 17 -16.30 -23.86 33.32
CA ARG A 17 -14.89 -24.21 33.24
C ARG A 17 -14.70 -25.67 32.82
N GLU A 18 -15.64 -26.55 33.21
CA GLU A 18 -15.56 -27.96 32.85
C GLU A 18 -15.69 -28.21 31.36
N SER A 19 -16.06 -27.21 30.56
CA SER A 19 -16.06 -27.38 29.12
C SER A 19 -14.68 -27.17 28.49
N LEU A 20 -13.66 -26.88 29.31
CA LEU A 20 -12.30 -26.64 28.86
C LEU A 20 -11.37 -27.72 29.39
N ARG A 21 -10.40 -28.12 28.58
CA ARG A 21 -9.28 -28.91 29.05
C ARG A 21 -7.99 -28.26 28.58
N LEU A 22 -7.00 -28.25 29.46
CA LEU A 22 -5.72 -27.60 29.18
C LEU A 22 -4.68 -28.69 28.96
N GLU A 23 -4.13 -28.77 27.75
CA GLU A 23 -3.16 -29.80 27.37
C GLU A 23 -1.72 -29.39 27.68
N VAL A 24 -1.29 -28.26 27.14
CA VAL A 24 0.12 -27.97 26.91
C VAL A 24 0.36 -26.47 27.03
N LYS A 25 1.42 -26.10 27.73
CA LYS A 25 1.83 -24.70 27.80
C LYS A 25 2.28 -24.19 26.44
N LEU A 26 1.80 -23.00 26.09
CA LEU A 26 2.26 -22.33 24.89
C LEU A 26 3.31 -21.27 25.20
N GLY A 27 3.36 -20.79 26.42
CA GLY A 27 4.33 -19.78 26.79
C GLY A 27 3.78 -18.94 27.92
N GLN A 28 4.53 -17.89 28.24
CA GLN A 28 4.17 -16.96 29.30
C GLN A 28 3.50 -15.75 28.68
N GLY A 29 2.26 -15.47 29.10
CA GLY A 29 1.64 -14.20 28.85
C GLY A 29 2.17 -13.15 29.81
N CYS A 30 1.53 -11.98 29.77
CA CYS A 30 1.98 -10.90 30.65
C CYS A 30 1.72 -11.22 32.12
N PHE A 31 0.61 -11.91 32.41
CA PHE A 31 0.18 -12.08 33.79
C PHE A 31 -0.09 -13.53 34.17
N GLY A 32 0.31 -14.47 33.33
CA GLY A 32 0.09 -15.88 33.61
C GLY A 32 0.39 -16.69 32.37
N GLU A 33 0.43 -18.00 32.56
CA GLU A 33 0.69 -18.93 31.46
C GLU A 33 -0.47 -18.92 30.46
N VAL A 34 -0.14 -19.18 29.19
CA VAL A 34 -1.11 -19.44 28.14
C VAL A 34 -1.01 -20.91 27.78
N TRP A 35 -2.16 -21.57 27.67
CA TRP A 35 -2.21 -23.00 27.39
C TRP A 35 -2.95 -23.27 26.09
N MET A 36 -2.47 -24.27 25.36
CA MET A 36 -3.26 -24.86 24.29
C MET A 36 -4.19 -25.90 24.87
N GLY A 37 -5.44 -25.92 24.42
CA GLY A 37 -6.45 -26.77 25.01
C GLY A 37 -7.54 -27.08 24.02
N THR A 38 -8.55 -27.82 24.48
CA THR A 38 -9.74 -27.99 23.67
C THR A 38 -10.97 -27.52 24.42
N TRP A 39 -11.96 -27.11 23.64
CA TRP A 39 -13.20 -26.54 24.13
C TRP A 39 -14.36 -27.41 23.65
N ASN A 40 -15.22 -27.81 24.58
CA ASN A 40 -16.37 -28.69 24.27
C ASN A 40 -15.92 -29.96 23.57
N GLY A 41 -14.72 -30.42 23.90
CA GLY A 41 -14.21 -31.69 23.41
C GLY A 41 -13.91 -31.79 21.93
N THR A 42 -14.01 -30.69 21.17
CA THR A 42 -13.68 -30.76 19.75
C THR A 42 -13.00 -29.53 19.18
N THR A 43 -12.95 -28.40 19.87
CA THR A 43 -12.36 -27.19 19.32
C THR A 43 -11.00 -26.95 19.96
N ARG A 44 -9.98 -26.83 19.12
CA ARG A 44 -8.66 -26.42 19.59
C ARG A 44 -8.69 -24.94 19.95
N VAL A 45 -8.25 -24.60 21.16
CA VAL A 45 -8.26 -23.21 21.62
C VAL A 45 -6.93 -22.88 22.30
N ALA A 46 -6.70 -21.58 22.48
CA ALA A 46 -5.70 -21.11 23.43
C ALA A 46 -6.41 -20.49 24.62
N ILE A 47 -5.81 -20.64 25.80
CA ILE A 47 -6.46 -20.30 27.06
C ILE A 47 -5.48 -19.46 27.89
N LYS A 48 -5.77 -18.17 28.01
CA LYS A 48 -4.95 -17.32 28.87
C LYS A 48 -5.40 -17.45 30.33
N THR A 49 -4.43 -17.66 31.23
CA THR A 49 -4.66 -17.77 32.67
C THR A 49 -4.03 -16.61 33.41
N LEU A 50 -4.42 -16.47 34.68
CA LEU A 50 -3.95 -15.40 35.56
C LEU A 50 -3.17 -16.01 36.71
N LYS A 51 -1.91 -15.61 36.86
CA LYS A 51 -1.09 -16.06 37.98
C LYS A 51 -1.56 -15.39 39.27
N PRO A 52 -1.65 -16.13 40.37
CA PRO A 52 -2.14 -15.54 41.63
C PRO A 52 -1.27 -14.37 42.09
N GLY A 53 -1.95 -13.30 42.54
CA GLY A 53 -1.27 -12.13 43.08
C GLY A 53 -0.75 -11.15 42.06
N THR A 54 -0.70 -11.51 40.78
CA THR A 54 -0.20 -10.60 39.76
C THR A 54 -1.05 -9.34 39.69
N MET A 55 -2.36 -9.49 39.55
CA MET A 55 -3.27 -8.36 39.44
C MET A 55 -4.67 -8.84 39.77
N SER A 56 -5.58 -7.88 39.93
CA SER A 56 -6.92 -8.23 40.33
C SER A 56 -7.63 -9.02 39.21
N PRO A 57 -8.60 -9.85 39.56
CA PRO A 57 -9.34 -10.60 38.54
C PRO A 57 -10.02 -9.74 37.48
N GLU A 58 -10.67 -8.64 37.87
CA GLU A 58 -11.39 -7.87 36.86
C GLU A 58 -10.46 -6.99 36.03
N ALA A 59 -9.33 -6.55 36.60
CA ALA A 59 -8.35 -5.86 35.77
C ALA A 59 -7.82 -6.77 34.68
N PHE A 60 -7.59 -8.05 35.02
CA PHE A 60 -7.24 -9.06 34.01
C PHE A 60 -8.37 -9.23 32.99
N LEU A 61 -9.62 -9.20 33.44
CA LEU A 61 -10.75 -9.43 32.54
C LEU A 61 -11.04 -8.25 31.63
N GLN A 62 -10.44 -7.07 31.85
CA GLN A 62 -10.63 -5.97 30.92
C GLN A 62 -10.12 -6.34 29.53
N GLU A 63 -9.12 -7.22 29.48
CA GLU A 63 -8.61 -7.71 28.20
C GLU A 63 -9.70 -8.46 27.44
N ALA A 64 -10.41 -9.36 28.14
CA ALA A 64 -11.53 -10.05 27.52
C ALA A 64 -12.63 -9.08 27.10
N GLN A 65 -12.87 -8.05 27.92
CA GLN A 65 -13.96 -7.12 27.61
C GLN A 65 -13.70 -6.37 26.32
N VAL A 66 -12.45 -6.00 26.05
CA VAL A 66 -12.17 -5.29 24.80
C VAL A 66 -12.32 -6.22 23.60
N MET A 67 -11.86 -7.48 23.73
CA MET A 67 -11.97 -8.44 22.64
C MET A 67 -13.43 -8.80 22.32
N LYS A 68 -14.36 -8.62 23.27
CA LYS A 68 -15.77 -8.88 22.97
C LYS A 68 -16.27 -7.98 21.86
N LYS A 69 -15.73 -6.76 21.76
CA LYS A 69 -16.19 -5.75 20.81
C LYS A 69 -15.49 -5.84 19.46
N LEU A 70 -14.39 -6.57 19.36
CA LEU A 70 -13.55 -6.59 18.18
C LEU A 70 -13.73 -7.92 17.46
N ARG A 71 -13.91 -7.86 16.15
CA ARG A 71 -14.05 -9.07 15.34
C ARG A 71 -13.54 -8.77 13.96
N HIS A 72 -12.37 -9.32 13.64
CA HIS A 72 -11.79 -9.12 12.32
C HIS A 72 -10.89 -10.30 12.01
N GLU A 73 -10.73 -10.60 10.72
CA GLU A 73 -9.95 -11.80 10.35
C GLU A 73 -8.47 -11.68 10.71
N LYS A 74 -7.92 -10.48 10.87
CA LYS A 74 -6.51 -10.30 11.22
C LYS A 74 -6.31 -9.92 12.69
N LEU A 75 -7.32 -10.10 13.53
CA LEU A 75 -7.18 -10.03 14.98
C LEU A 75 -7.49 -11.38 15.58
N VAL A 76 -6.67 -11.84 16.54
CA VAL A 76 -6.96 -13.08 17.25
C VAL A 76 -8.33 -12.97 17.91
N GLN A 77 -9.18 -13.97 17.66
CA GLN A 77 -10.60 -13.89 17.98
C GLN A 77 -10.90 -14.49 19.35
N LEU A 78 -11.58 -13.72 20.21
CA LEU A 78 -12.12 -14.27 21.45
C LEU A 78 -13.20 -15.30 21.19
N TYR A 79 -13.17 -16.39 21.95
CA TYR A 79 -14.20 -17.43 21.90
C TYR A 79 -15.12 -17.42 23.11
N ALA A 80 -14.57 -17.29 24.31
CA ALA A 80 -15.34 -17.52 25.52
C ALA A 80 -14.54 -17.03 26.71
N VAL A 81 -15.23 -16.83 27.83
CA VAL A 81 -14.60 -16.34 29.06
CA VAL A 81 -14.60 -16.33 29.06
C VAL A 81 -15.13 -17.15 30.24
N VAL A 82 -14.23 -17.48 31.16
CA VAL A 82 -14.61 -17.97 32.48
C VAL A 82 -14.25 -16.84 33.45
N SER A 83 -15.26 -16.14 33.95
CA SER A 83 -15.03 -14.92 34.71
C SER A 83 -15.03 -15.16 36.21
N GLU A 84 -15.00 -16.42 36.64
CA GLU A 84 -14.84 -16.78 38.05
C GLU A 84 -13.46 -17.40 38.23
N GLU A 85 -12.80 -17.04 39.32
CA GLU A 85 -11.47 -17.60 39.63
C GLU A 85 -11.50 -19.12 39.75
N PRO A 86 -10.52 -19.80 39.12
CA PRO A 86 -9.49 -19.24 38.23
C PRO A 86 -10.04 -18.80 36.88
N ILE A 87 -9.67 -17.59 36.48
CA ILE A 87 -10.19 -16.96 35.26
C ILE A 87 -9.50 -17.54 34.04
N TYR A 88 -10.28 -17.75 32.97
CA TYR A 88 -9.73 -18.13 31.67
C TYR A 88 -10.29 -17.24 30.58
N ILE A 89 -9.41 -16.78 29.70
CA ILE A 89 -9.81 -16.13 28.45
C ILE A 89 -9.49 -17.09 27.32
N VAL A 90 -10.52 -17.54 26.62
CA VAL A 90 -10.42 -18.59 25.62
C VAL A 90 -10.46 -17.95 24.23
N MET A 91 -9.49 -18.28 23.38
CA MET A 91 -9.41 -17.61 22.10
C MET A 91 -8.87 -18.54 21.01
N GLU A 92 -8.96 -18.06 19.78
CA GLU A 92 -8.46 -18.72 18.58
C GLU A 92 -7.01 -19.17 18.74
N TYR A 93 -6.71 -20.41 18.35
CA TYR A 93 -5.35 -20.96 18.46
C TYR A 93 -4.54 -20.63 17.21
N MET A 94 -3.35 -20.08 17.40
CA MET A 94 -2.43 -19.74 16.30
C MET A 94 -1.24 -20.70 16.37
N SER A 95 -1.10 -21.56 15.36
CA SER A 95 -0.26 -22.75 15.48
C SER A 95 1.23 -22.50 15.39
N LYS A 96 1.66 -21.34 14.90
CA LYS A 96 3.08 -21.09 14.68
C LYS A 96 3.67 -20.10 15.69
N GLY A 97 2.95 -19.75 16.76
CA GLY A 97 3.54 -18.94 17.81
C GLY A 97 3.69 -17.46 17.45
N CYS A 98 4.41 -16.75 18.32
CA CYS A 98 4.56 -15.31 18.13
C CYS A 98 5.52 -15.02 16.98
N LEU A 99 5.24 -13.92 16.29
CA LEU A 99 6.03 -13.52 15.12
C LEU A 99 7.49 -13.27 15.47
N LEU A 100 7.73 -12.64 16.61
CA LEU A 100 9.12 -12.41 17.03
C LEU A 100 9.92 -13.72 17.01
N ASP A 101 9.41 -14.76 17.68
CA ASP A 101 10.14 -16.04 17.70
C ASP A 101 10.26 -16.62 16.30
N PHE A 102 9.21 -16.45 15.48
CA PHE A 102 9.22 -16.99 14.12
C PHE A 102 10.35 -16.35 13.31
N LEU A 103 10.48 -15.02 13.41
CA LEU A 103 11.51 -14.30 12.67
C LEU A 103 12.91 -14.64 13.13
N LYS A 104 13.11 -14.80 14.45
CA LYS A 104 14.42 -15.10 15.02
C LYS A 104 14.86 -16.55 14.77
N GLY A 105 13.90 -17.45 14.58
CA GLY A 105 14.16 -18.87 14.63
C GLY A 105 14.45 -19.49 13.28
N GLU A 106 14.48 -20.84 13.28
CA GLU A 106 14.88 -21.59 12.08
C GLU A 106 14.08 -21.20 10.84
N MET A 107 12.77 -21.07 10.97
CA MET A 107 11.92 -20.90 9.79
C MET A 107 12.08 -19.53 9.15
N GLY A 108 12.19 -18.49 9.97
CA GLY A 108 12.33 -17.14 9.43
C GLY A 108 13.61 -16.91 8.66
N LYS A 109 14.60 -17.79 8.81
CA LYS A 109 15.88 -17.63 8.12
C LYS A 109 15.70 -17.55 6.60
N TYR A 110 14.66 -18.17 6.05
CA TYR A 110 14.48 -18.15 4.61
C TYR A 110 13.43 -17.16 4.13
N LEU A 111 12.75 -16.49 5.06
CA LEU A 111 11.85 -15.41 4.68
C LEU A 111 12.61 -14.31 3.93
N ARG A 112 11.99 -13.81 2.87
CA ARG A 112 12.52 -12.73 2.08
C ARG A 112 11.47 -11.64 1.99
N LEU A 113 11.82 -10.55 1.31
CA LEU A 113 10.99 -9.36 1.37
C LEU A 113 9.54 -9.58 0.94
N PRO A 114 9.23 -10.34 -0.12
CA PRO A 114 7.80 -10.52 -0.47
C PRO A 114 6.98 -11.13 0.66
N GLN A 115 7.50 -12.15 1.35
CA GLN A 115 6.77 -12.73 2.47
C GLN A 115 6.66 -11.77 3.64
N LEU A 116 7.77 -11.08 3.97
CA LEU A 116 7.78 -10.11 5.06
C LEU A 116 6.83 -8.95 4.79
N VAL A 117 6.82 -8.42 3.56
CA VAL A 117 5.87 -7.34 3.26
C VAL A 117 4.43 -7.86 3.33
N ASP A 118 4.20 -9.11 2.93
CA ASP A 118 2.84 -9.65 3.02
C ASP A 118 2.41 -9.81 4.47
N MET A 119 3.34 -10.18 5.36
CA MET A 119 3.00 -10.22 6.77
C MET A 119 2.68 -8.82 7.27
N ALA A 120 3.47 -7.83 6.89
CA ALA A 120 3.19 -6.48 7.33
C ALA A 120 1.83 -6.02 6.81
N ALA A 121 1.47 -6.42 5.59
CA ALA A 121 0.18 -6.02 5.03
C ALA A 121 -0.98 -6.61 5.82
N GLN A 122 -0.85 -7.87 6.25
CA GLN A 122 -1.91 -8.47 7.06
C GLN A 122 -2.06 -7.75 8.40
N ILE A 123 -0.92 -7.46 9.04
CA ILE A 123 -0.95 -6.71 10.29
C ILE A 123 -1.57 -5.33 10.07
N ALA A 124 -1.19 -4.64 8.98
CA ALA A 124 -1.79 -3.34 8.70
C ALA A 124 -3.29 -3.43 8.51
N SER A 125 -3.78 -4.53 7.92
CA SER A 125 -5.22 -4.75 7.74
C SER A 125 -5.94 -4.91 9.07
N GLY A 126 -5.35 -5.65 9.99
CA GLY A 126 -5.96 -5.74 11.32
C GLY A 126 -5.97 -4.40 12.04
N MET A 127 -4.86 -3.65 11.94
CA MET A 127 -4.79 -2.33 12.58
C MET A 127 -5.69 -1.31 11.88
N ALA A 128 -5.93 -1.49 10.58
CA ALA A 128 -6.87 -0.63 9.88
C ALA A 128 -8.27 -0.81 10.46
N TYR A 129 -8.61 -2.04 10.84
CA TYR A 129 -9.86 -2.28 11.52
C TYR A 129 -9.89 -1.63 12.90
N VAL A 130 -8.86 -1.85 13.74
CA VAL A 130 -8.73 -1.15 15.01
C VAL A 130 -8.93 0.35 14.81
N GLU A 131 -8.32 0.89 13.75
CA GLU A 131 -8.42 2.31 13.42
C GLU A 131 -9.87 2.71 13.14
N ARG A 132 -10.55 1.96 12.26
CA ARG A 132 -11.95 2.23 11.92
C ARG A 132 -12.86 2.13 13.12
N MET A 133 -12.52 1.27 14.07
CA MET A 133 -13.36 1.06 15.25
C MET A 133 -13.12 2.08 16.35
N ASN A 134 -12.18 3.01 16.13
CA ASN A 134 -11.86 4.04 17.11
CA ASN A 134 -11.85 4.05 17.10
C ASN A 134 -11.19 3.47 18.35
N TYR A 135 -10.42 2.41 18.18
CA TYR A 135 -9.64 1.84 19.27
C TYR A 135 -8.17 2.20 19.10
N VAL A 136 -7.40 1.94 20.16
CA VAL A 136 -5.94 1.99 20.11
C VAL A 136 -5.43 0.73 20.80
N HIS A 137 -4.31 0.21 20.32
CA HIS A 137 -3.82 -1.06 20.82
C HIS A 137 -2.80 -0.87 21.94
N ARG A 138 -1.79 -0.02 21.69
CA ARG A 138 -0.79 0.48 22.64
C ARG A 138 0.32 -0.52 22.94
N ASP A 139 0.32 -1.72 22.35
CA ASP A 139 1.33 -2.74 22.61
C ASP A 139 1.65 -3.48 21.31
N LEU A 140 1.64 -2.74 20.21
CA LEU A 140 1.87 -3.31 18.89
C LEU A 140 3.37 -3.54 18.66
N ARG A 141 3.73 -4.79 18.39
CA ARG A 141 5.13 -5.21 18.21
C ARG A 141 5.12 -6.68 17.82
N ALA A 142 6.25 -7.16 17.30
CA ALA A 142 6.31 -8.51 16.75
C ALA A 142 6.04 -9.59 17.82
N ALA A 143 6.38 -9.33 19.08
CA ALA A 143 6.09 -10.33 20.12
C ALA A 143 4.59 -10.49 20.36
N ASN A 144 3.79 -9.51 19.94
CA ASN A 144 2.35 -9.52 20.12
C ASN A 144 1.61 -9.75 18.80
N ILE A 145 2.29 -10.21 17.75
CA ILE A 145 1.65 -10.73 16.54
C ILE A 145 1.74 -12.24 16.63
N LEU A 146 0.67 -12.95 16.27
CA LEU A 146 0.71 -14.41 16.22
C LEU A 146 0.58 -14.92 14.79
N VAL A 147 1.23 -16.05 14.53
CA VAL A 147 1.35 -16.64 13.19
C VAL A 147 0.59 -17.96 13.16
N GLY A 148 -0.16 -18.18 12.08
CA GLY A 148 -0.87 -19.42 11.87
C GLY A 148 -0.53 -20.13 10.56
N GLU A 149 -1.35 -21.11 10.19
CA GLU A 149 -1.09 -21.85 8.97
C GLU A 149 -1.12 -20.91 7.77
N ASN A 150 -0.31 -21.24 6.76
CA ASN A 150 -0.16 -20.44 5.56
C ASN A 150 0.41 -19.04 5.86
N LEU A 151 1.10 -18.90 6.99
CA LEU A 151 1.75 -17.64 7.40
C LEU A 151 0.75 -16.52 7.60
N VAL A 152 -0.48 -16.85 8.00
CA VAL A 152 -1.40 -15.79 8.39
C VAL A 152 -0.85 -15.15 9.65
N CYS A 153 -0.87 -13.82 9.67
CA CYS A 153 -0.45 -13.05 10.85
C CYS A 153 -1.65 -12.32 11.43
N LYS A 154 -1.79 -12.37 12.75
CA LYS A 154 -2.91 -11.73 13.43
C LYS A 154 -2.43 -10.89 14.60
N VAL A 155 -3.07 -9.74 14.79
CA VAL A 155 -2.79 -8.89 15.94
C VAL A 155 -3.30 -9.58 17.18
N ALA A 156 -2.45 -9.64 18.22
CA ALA A 156 -2.85 -10.26 19.48
C ALA A 156 -2.55 -9.38 20.68
N ASP A 157 -2.72 -9.93 21.88
CA ASP A 157 -2.48 -9.27 23.17
C ASP A 157 -3.17 -7.92 23.27
N PHE A 158 -4.47 -7.94 23.59
CA PHE A 158 -5.25 -6.74 23.75
C PHE A 158 -5.32 -6.27 25.19
N GLY A 159 -4.34 -6.68 26.01
CA GLY A 159 -4.33 -6.32 27.43
C GLY A 159 -4.36 -4.82 27.70
N LEU A 160 -3.80 -4.02 26.80
CA LEU A 160 -3.78 -2.57 27.00
C LEU A 160 -4.66 -1.82 26.03
N ALA A 161 -5.37 -2.53 25.14
CA ALA A 161 -6.17 -1.86 24.12
C ALA A 161 -7.41 -1.22 24.72
N ARG A 162 -7.89 -0.16 24.09
CA ARG A 162 -8.98 0.60 24.67
C ARG A 162 -9.67 1.42 23.61
N LEU A 163 -10.96 1.65 23.83
CA LEU A 163 -11.70 2.62 23.04
C LEU A 163 -11.13 4.01 23.32
N ILE A 164 -10.92 4.79 22.26
CA ILE A 164 -10.46 6.16 22.44
C ILE A 164 -11.60 6.99 23.01
N GLU A 165 -11.38 7.53 24.20
CA GLU A 165 -12.37 8.41 24.85
C GLU A 165 -11.66 9.50 25.62
N PHE A 177 6.00 2.34 30.03
CA PHE A 177 5.90 1.94 28.62
C PHE A 177 7.27 1.89 27.94
N PRO A 178 7.50 0.84 27.13
CA PRO A 178 8.83 0.65 26.50
C PRO A 178 9.11 1.68 25.41
N ILE A 179 10.06 2.59 25.67
CA ILE A 179 10.25 3.69 24.73
C ILE A 179 10.63 3.20 23.34
N LYS A 180 11.20 1.99 23.23
CA LYS A 180 11.68 1.55 21.91
C LYS A 180 10.55 1.32 20.93
N TRP A 181 9.39 0.84 21.40
CA TRP A 181 8.26 0.64 20.50
C TRP A 181 7.19 1.73 20.62
N THR A 182 7.25 2.59 21.63
CA THR A 182 6.15 3.51 21.93
C THR A 182 6.47 4.89 21.39
N ALA A 183 5.50 5.50 20.74
CA ALA A 183 5.70 6.84 20.22
C ALA A 183 6.05 7.79 21.37
N PRO A 184 6.96 8.74 21.16
CA PRO A 184 7.42 9.58 22.28
C PRO A 184 6.30 10.34 22.98
N GLU A 185 5.32 10.88 22.24
CA GLU A 185 4.25 11.62 22.90
C GLU A 185 3.41 10.73 23.80
N ALA A 186 3.34 9.42 23.49
CA ALA A 186 2.64 8.47 24.34
C ALA A 186 3.49 8.06 25.54
N ALA A 187 4.78 7.81 25.29
CA ALA A 187 5.65 7.42 26.40
C ALA A 187 5.77 8.54 27.41
N LEU A 188 5.93 9.78 26.94
CA LEU A 188 6.18 10.91 27.85
C LEU A 188 4.92 11.44 28.50
N TYR A 189 3.87 11.68 27.71
CA TYR A 189 2.70 12.40 28.18
C TYR A 189 1.44 11.53 28.24
N GLY A 190 1.52 10.27 27.82
CA GLY A 190 0.34 9.44 27.83
C GLY A 190 -0.64 9.75 26.73
N ARG A 191 -0.20 10.40 25.65
CA ARG A 191 -1.09 10.71 24.53
C ARG A 191 -1.09 9.51 23.57
N PHE A 192 -1.94 8.53 23.86
CA PHE A 192 -2.07 7.33 23.05
C PHE A 192 -3.21 7.50 22.07
N THR A 193 -2.90 7.45 20.78
CA THR A 193 -3.89 7.53 19.73
C THR A 193 -3.55 6.46 18.70
N ILE A 194 -4.39 6.32 17.68
CA ILE A 194 -4.06 5.39 16.60
C ILE A 194 -2.75 5.79 15.92
N LYS A 195 -2.38 7.08 16.00
CA LYS A 195 -1.10 7.51 15.43
C LYS A 195 0.08 7.05 16.29
N SER A 196 -0.11 6.83 17.59
CA SER A 196 1.00 6.25 18.33
C SER A 196 1.15 4.76 17.98
N ASP A 197 0.05 4.09 17.65
CA ASP A 197 0.15 2.72 17.11
C ASP A 197 0.83 2.74 15.75
N VAL A 198 0.57 3.76 14.91
CA VAL A 198 1.26 3.84 13.62
C VAL A 198 2.77 3.92 13.84
N TRP A 199 3.20 4.70 14.83
CA TRP A 199 4.62 4.70 15.19
C TRP A 199 5.09 3.29 15.51
N SER A 200 4.36 2.56 16.38
CA SER A 200 4.79 1.21 16.74
C SER A 200 4.87 0.30 15.51
N PHE A 201 3.95 0.48 14.55
CA PHE A 201 4.00 -0.29 13.32
C PHE A 201 5.27 -0.01 12.53
N GLY A 202 5.73 1.25 12.53
CA GLY A 202 7.01 1.54 11.92
C GLY A 202 8.15 0.75 12.57
N ILE A 203 8.13 0.65 13.89
CA ILE A 203 9.17 -0.16 14.55
C ILE A 203 9.03 -1.63 14.19
N LEU A 204 7.79 -2.11 14.13
CA LEU A 204 7.54 -3.49 13.72
C LEU A 204 8.08 -3.77 12.33
N LEU A 205 7.94 -2.82 11.40
CA LEU A 205 8.57 -2.99 10.09
C LEU A 205 10.08 -3.23 10.22
N THR A 206 10.75 -2.57 11.18
CA THR A 206 12.19 -2.87 11.36
C THR A 206 12.41 -4.26 11.92
N GLU A 207 11.52 -4.73 12.83
CA GLU A 207 11.67 -6.11 13.30
C GLU A 207 11.50 -7.09 12.14
N LEU A 208 10.55 -6.80 11.22
CA LEU A 208 10.36 -7.67 10.07
C LEU A 208 11.57 -7.70 9.16
N THR A 209 12.19 -6.54 8.92
CA THR A 209 13.27 -6.50 7.94
C THR A 209 14.64 -6.83 8.55
N THR A 210 14.75 -7.00 9.86
CA THR A 210 15.99 -7.44 10.48
C THR A 210 15.90 -8.85 11.06
N LYS A 211 14.85 -9.59 10.74
CA LYS A 211 14.61 -10.93 11.31
C LYS A 211 14.52 -10.86 12.83
N GLY A 212 13.80 -9.86 13.33
CA GLY A 212 13.45 -9.82 14.74
C GLY A 212 14.45 -9.21 15.69
N ARG A 213 15.47 -8.49 15.20
CA ARG A 213 16.39 -7.83 16.11
C ARG A 213 15.68 -6.76 16.92
N VAL A 214 16.14 -6.58 18.16
CA VAL A 214 15.70 -5.46 19.02
C VAL A 214 16.00 -4.14 18.33
N PRO A 215 15.04 -3.22 18.25
CA PRO A 215 15.31 -1.89 17.68
C PRO A 215 16.36 -1.12 18.47
N TYR A 216 16.92 -0.09 17.82
CA TYR A 216 17.93 0.79 18.41
C TYR A 216 19.11 0.02 19.02
N PRO A 217 19.77 -0.83 18.23
CA PRO A 217 20.79 -1.73 18.81
C PRO A 217 21.85 -0.99 19.60
N GLY A 218 22.13 -1.50 20.79
CA GLY A 218 23.15 -0.94 21.66
C GLY A 218 22.76 0.35 22.35
N MET A 219 21.51 0.79 22.23
CA MET A 219 21.03 1.96 22.96
C MET A 219 20.16 1.49 24.14
N VAL A 220 20.37 2.09 25.30
CA VAL A 220 19.47 1.85 26.42
C VAL A 220 18.31 2.82 26.32
N ASN A 221 17.24 2.55 27.10
CA ASN A 221 15.99 3.29 26.96
C ASN A 221 16.19 4.80 27.05
N ARG A 222 17.00 5.25 28.01
CA ARG A 222 17.17 6.68 28.20
C ARG A 222 17.80 7.33 26.98
N GLU A 223 18.79 6.67 26.38
CA GLU A 223 19.38 7.20 25.14
C GLU A 223 18.36 7.21 24.02
N VAL A 224 17.57 6.13 23.87
CA VAL A 224 16.54 6.12 22.83
C VAL A 224 15.64 7.35 22.99
N LEU A 225 15.14 7.58 24.20
CA LEU A 225 14.27 8.71 24.46
C LEU A 225 14.93 10.03 24.07
N ASP A 226 16.15 10.26 24.56
CA ASP A 226 16.85 11.52 24.25
C ASP A 226 17.07 11.69 22.76
N GLN A 227 17.49 10.61 22.08
CA GLN A 227 17.84 10.71 20.67
C GLN A 227 16.62 10.88 19.79
N VAL A 228 15.57 10.10 20.04
CA VAL A 228 14.35 10.20 19.26
C VAL A 228 13.73 11.59 19.41
N GLU A 229 13.87 12.19 20.59
CA GLU A 229 13.38 13.56 20.79
C GLU A 229 14.26 14.58 20.08
N ARG A 230 15.54 14.28 19.86
CA ARG A 230 16.44 15.13 19.08
C ARG A 230 16.27 14.93 17.58
N GLY A 231 15.39 14.04 17.13
CA GLY A 231 15.19 13.79 15.72
C GLY A 231 15.81 12.52 15.20
N TYR A 232 16.55 11.78 16.03
CA TYR A 232 17.19 10.55 15.57
C TYR A 232 16.14 9.52 15.16
N ARG A 233 16.41 8.82 14.07
CA ARG A 233 15.57 7.71 13.62
C ARG A 233 16.48 6.58 13.15
N MET A 234 16.00 5.35 13.27
CA MET A 234 16.79 4.21 12.78
C MET A 234 17.07 4.35 11.29
N PRO A 235 18.26 3.97 10.83
CA PRO A 235 18.57 4.02 9.39
C PRO A 235 17.96 2.82 8.66
N CYS A 236 18.09 2.85 7.35
CA CYS A 236 17.56 1.80 6.48
C CYS A 236 18.27 0.48 6.78
N PRO A 237 17.55 -0.58 7.18
CA PRO A 237 18.21 -1.86 7.43
C PRO A 237 18.89 -2.38 6.18
N PRO A 238 19.96 -3.16 6.33
CA PRO A 238 20.67 -3.67 5.15
C PRO A 238 19.75 -4.49 4.25
N GLU A 239 19.79 -4.19 2.96
CA GLU A 239 18.98 -4.78 1.88
C GLU A 239 17.51 -4.37 1.91
N CYS A 240 17.11 -3.54 2.83
CA CYS A 240 15.75 -3.02 2.80
C CYS A 240 15.66 -1.91 1.74
N PRO A 241 14.66 -1.95 0.85
CA PRO A 241 14.54 -0.86 -0.14
C PRO A 241 14.32 0.48 0.54
N GLU A 242 14.89 1.53 -0.04
CA GLU A 242 14.69 2.85 0.53
C GLU A 242 13.22 3.22 0.60
N SER A 243 12.41 2.74 -0.35
CA SER A 243 11.00 3.09 -0.32
C SER A 243 10.31 2.54 0.92
N LEU A 244 10.76 1.39 1.41
CA LEU A 244 10.16 0.85 2.63
C LEU A 244 10.70 1.51 3.87
N HIS A 245 11.99 1.90 3.86
CA HIS A 245 12.47 2.74 4.95
C HIS A 245 11.80 4.11 4.94
N ASP A 246 11.49 4.67 3.76
CA ASP A 246 10.72 5.91 3.72
C ASP A 246 9.40 5.75 4.44
N LEU A 247 8.73 4.61 4.23
CA LEU A 247 7.47 4.34 4.91
C LEU A 247 7.67 4.34 6.42
N MET A 248 8.73 3.67 6.90
CA MET A 248 9.02 3.71 8.33
C MET A 248 9.16 5.15 8.81
N CYS A 249 9.93 5.97 8.08
CA CYS A 249 10.17 7.34 8.55
C CYS A 249 8.88 8.16 8.59
N GLN A 250 7.94 7.88 7.70
CA GLN A 250 6.63 8.52 7.76
C GLN A 250 5.87 8.08 9.02
N CYS A 251 5.95 6.79 9.37
CA CYS A 251 5.33 6.34 10.62
C CYS A 251 5.98 6.97 11.84
N TRP A 252 7.23 7.46 11.73
CA TRP A 252 7.95 8.06 12.85
C TRP A 252 8.01 9.58 12.80
N ARG A 253 7.08 10.23 12.11
CA ARG A 253 7.06 11.68 12.13
C ARG A 253 6.78 12.20 13.52
N LYS A 254 7.45 13.30 13.89
CA LYS A 254 7.28 13.86 15.22
C LYS A 254 5.83 14.21 15.50
N ASP A 255 5.17 14.85 14.53
CA ASP A 255 3.79 15.29 14.65
C ASP A 255 2.91 14.08 14.36
N PRO A 256 2.19 13.56 15.36
CA PRO A 256 1.45 12.31 15.13
C PRO A 256 0.45 12.43 14.00
N GLU A 257 -0.11 13.61 13.78
CA GLU A 257 -1.09 13.80 12.70
C GLU A 257 -0.46 13.79 11.31
N GLU A 258 0.86 13.84 11.20
CA GLU A 258 1.49 13.69 9.90
C GLU A 258 1.83 12.25 9.55
N ARG A 259 1.69 11.32 10.50
CA ARG A 259 1.91 9.91 10.20
C ARG A 259 0.76 9.35 9.36
N PRO A 260 1.05 8.39 8.51
CA PRO A 260 0.01 7.82 7.66
C PRO A 260 -1.06 7.11 8.47
N THR A 261 -2.19 6.90 7.81
CA THR A 261 -3.22 6.03 8.38
C THR A 261 -2.88 4.56 8.13
N PHE A 262 -3.49 3.69 8.93
CA PHE A 262 -3.36 2.27 8.63
C PHE A 262 -4.05 1.91 7.32
N GLU A 263 -5.12 2.62 6.96
CA GLU A 263 -5.74 2.40 5.66
C GLU A 263 -4.73 2.59 4.55
N TYR A 264 -3.94 3.67 4.63
CA TYR A 264 -2.86 3.90 3.65
C TYR A 264 -1.78 2.82 3.72
N LEU A 265 -1.32 2.48 4.94
CA LEU A 265 -0.28 1.46 5.06
C LEU A 265 -0.74 0.13 4.50
N GLN A 266 -2.00 -0.26 4.76
CA GLN A 266 -2.50 -1.52 4.23
C GLN A 266 -2.45 -1.52 2.71
N ALA A 267 -2.93 -0.45 2.08
CA ALA A 267 -2.96 -0.37 0.62
C ALA A 267 -1.54 -0.33 0.03
N PHE A 268 -0.66 0.51 0.62
CA PHE A 268 0.74 0.60 0.20
C PHE A 268 1.44 -0.75 0.23
N LEU A 269 1.23 -1.52 1.31
CA LEU A 269 1.95 -2.79 1.45
C LEU A 269 1.32 -3.88 0.59
N GLU A 270 0.00 -3.87 0.42
CA GLU A 270 -0.62 -4.85 -0.46
C GLU A 270 -0.15 -4.68 -1.89
N ASP A 271 0.03 -3.42 -2.33
CA ASP A 271 0.36 -3.10 -3.71
C ASP A 271 1.86 -2.96 -3.95
N TYR A 272 2.67 -3.24 -2.92
CA TYR A 272 4.07 -2.80 -2.88
C TYR A 272 4.85 -3.21 -4.12
N PHE A 273 4.78 -4.49 -4.49
CA PHE A 273 5.65 -5.02 -5.54
C PHE A 273 5.14 -4.74 -6.94
N THR A 274 3.95 -4.18 -7.09
CA THR A 274 3.53 -3.66 -8.39
C THR A 274 3.73 -2.16 -8.50
N SER A 275 3.30 -1.42 -7.50
CA SER A 275 3.24 0.03 -7.56
C SER A 275 4.49 0.73 -7.07
N THR A 276 5.23 0.12 -6.17
CA THR A 276 6.30 0.85 -5.52
C THR A 276 7.68 0.29 -5.82
N GLU A 277 7.84 -1.04 -5.84
CA GLU A 277 9.11 -1.67 -6.20
C GLU A 277 8.90 -2.69 -7.30
N PRO A 278 8.45 -2.26 -8.49
CA PRO A 278 8.22 -3.23 -9.57
C PRO A 278 9.50 -3.90 -10.03
N GLN A 279 10.66 -3.34 -9.69
CA GLN A 279 11.96 -3.85 -10.11
C GLN A 279 12.67 -4.61 -9.00
N TYR A 280 11.96 -5.05 -7.97
CA TYR A 280 12.62 -5.71 -6.84
C TYR A 280 13.34 -6.97 -7.31
N GLN A 281 14.56 -7.15 -6.79
CA GLN A 281 15.35 -8.35 -7.03
C GLN A 281 15.75 -8.98 -5.72
N PRO A 282 15.58 -10.29 -5.54
CA PRO A 282 15.97 -10.92 -4.27
C PRO A 282 17.45 -10.71 -3.99
N GLY A 283 17.77 -10.47 -2.72
CA GLY A 283 19.13 -10.36 -2.25
C GLY A 283 19.56 -11.60 -1.51
N GLU A 284 20.61 -11.46 -0.69
CA GLU A 284 21.02 -12.60 0.12
C GLU A 284 20.14 -12.79 1.35
N ASN A 285 19.62 -11.71 1.94
CA ASN A 285 18.77 -11.83 3.12
C ASN A 285 17.36 -11.29 2.96
N LEU A 286 17.12 -10.36 2.03
CA LEU A 286 15.79 -9.79 1.78
C LEU A 286 15.43 -9.82 0.29
N ASP B 11 21.62 17.59 -35.53
CA ASP B 11 20.55 18.41 -36.07
C ASP B 11 20.35 19.69 -35.26
N ALA B 12 19.21 20.36 -35.46
CA ALA B 12 18.93 21.64 -34.82
C ALA B 12 18.56 21.50 -33.35
N TRP B 13 18.42 20.29 -32.83
CA TRP B 13 18.05 20.07 -31.45
C TRP B 13 19.22 19.77 -30.56
N GLU B 14 20.41 19.63 -31.15
CA GLU B 14 21.61 19.36 -30.37
C GLU B 14 21.94 20.57 -29.51
N ILE B 15 22.38 20.33 -28.29
CA ILE B 15 22.74 21.43 -27.39
C ILE B 15 24.08 21.12 -26.75
N PRO B 16 24.78 22.16 -26.27
CA PRO B 16 26.06 21.93 -25.57
C PRO B 16 25.87 21.19 -24.26
N ARG B 17 26.87 20.34 -23.93
CA ARG B 17 26.82 19.58 -22.70
C ARG B 17 26.90 20.48 -21.46
N GLU B 18 27.54 21.63 -21.55
CA GLU B 18 27.65 22.49 -20.39
C GLU B 18 26.38 23.31 -20.15
N SER B 19 25.38 23.22 -21.03
CA SER B 19 24.13 23.97 -20.89
C SER B 19 23.09 23.24 -20.05
N LEU B 20 23.38 22.03 -19.60
CA LEU B 20 22.51 21.24 -18.75
C LEU B 20 23.11 21.12 -17.35
N ARG B 21 22.24 21.15 -16.34
CA ARG B 21 22.65 20.76 -14.99
C ARG B 21 21.62 19.80 -14.42
N LEU B 22 22.08 18.66 -13.97
CA LEU B 22 21.21 17.64 -13.41
C LEU B 22 21.21 17.83 -11.90
N GLU B 23 20.05 18.20 -11.35
CA GLU B 23 19.97 18.62 -9.96
C GLU B 23 19.37 17.57 -9.03
N VAL B 24 18.25 16.97 -9.41
CA VAL B 24 17.52 16.05 -8.53
C VAL B 24 17.17 14.81 -9.35
N LYS B 25 17.61 13.65 -8.88
CA LYS B 25 17.23 12.40 -9.53
C LYS B 25 15.74 12.15 -9.31
N LEU B 26 14.99 12.05 -10.41
CA LEU B 26 13.55 11.82 -10.36
C LEU B 26 13.18 10.34 -10.38
N GLY B 27 14.00 9.54 -11.03
CA GLY B 27 13.65 8.16 -11.27
C GLY B 27 14.82 7.43 -11.88
N GLN B 28 14.94 6.14 -11.57
CA GLN B 28 16.08 5.38 -12.02
C GLN B 28 15.60 4.01 -12.44
N GLY B 29 16.18 3.50 -13.52
CA GLY B 29 15.93 2.15 -13.97
C GLY B 29 17.17 1.61 -14.62
N CYS B 30 17.04 0.54 -15.38
CA CYS B 30 18.17 0.13 -16.19
C CYS B 30 18.22 0.98 -17.46
N PHE B 31 19.42 1.07 -18.03
CA PHE B 31 19.75 1.84 -19.23
C PHE B 31 19.77 3.35 -18.99
N GLY B 32 19.47 3.84 -17.79
CA GLY B 32 19.69 5.24 -17.51
C GLY B 32 18.88 5.74 -16.32
N GLU B 33 18.96 7.05 -16.12
CA GLU B 33 18.27 7.75 -15.04
C GLU B 33 17.41 8.87 -15.65
N VAL B 34 16.55 9.46 -14.82
CA VAL B 34 15.88 10.70 -15.15
C VAL B 34 16.10 11.69 -14.01
N TRP B 35 16.46 12.92 -14.37
CA TRP B 35 16.78 13.97 -13.41
C TRP B 35 15.93 15.19 -13.69
N MET B 36 15.59 15.92 -12.63
CA MET B 36 15.17 17.30 -12.79
C MET B 36 16.39 18.20 -12.88
N GLY B 37 16.38 19.09 -13.87
CA GLY B 37 17.49 19.99 -13.97
C GLY B 37 17.16 21.30 -14.65
N THR B 38 18.21 21.99 -15.07
CA THR B 38 18.10 23.29 -15.69
C THR B 38 18.80 23.24 -17.04
N TRP B 39 18.20 23.91 -18.02
CA TRP B 39 18.75 24.03 -19.37
C TRP B 39 19.01 25.50 -19.65
N ASN B 40 20.26 25.82 -20.02
CA ASN B 40 20.67 27.21 -20.28
C ASN B 40 20.54 28.09 -19.06
N GLY B 41 20.63 27.49 -17.87
CA GLY B 41 20.57 28.27 -16.64
C GLY B 41 19.23 28.89 -16.31
N THR B 42 18.22 28.77 -17.18
CA THR B 42 16.93 29.43 -16.99
C THR B 42 15.75 28.47 -16.99
N THR B 43 15.75 27.47 -17.86
CA THR B 43 14.57 26.64 -18.12
C THR B 43 14.61 25.36 -17.32
N ARG B 44 13.53 25.10 -16.59
CA ARG B 44 13.40 23.84 -15.86
C ARG B 44 13.09 22.72 -16.82
N VAL B 45 13.77 21.58 -16.67
CA VAL B 45 13.67 20.48 -17.63
C VAL B 45 13.76 19.14 -16.91
N ALA B 46 13.30 18.10 -17.60
CA ALA B 46 13.62 16.73 -17.23
C ALA B 46 14.70 16.24 -18.18
N ILE B 47 15.65 15.48 -17.63
CA ILE B 47 16.84 15.05 -18.38
C ILE B 47 16.93 13.53 -18.24
N LYS B 48 16.67 12.82 -19.33
CA LYS B 48 16.79 11.37 -19.37
C LYS B 48 18.15 11.01 -19.94
N THR B 49 18.93 10.26 -19.17
CA THR B 49 20.24 9.80 -19.60
C THR B 49 20.17 8.34 -20.03
N LEU B 50 21.00 7.99 -21.00
CA LEU B 50 21.10 6.62 -21.48
C LEU B 50 22.50 6.10 -21.16
N LYS B 51 22.57 5.04 -20.37
CA LYS B 51 23.84 4.47 -19.98
C LYS B 51 24.63 4.00 -21.21
N PRO B 52 25.94 4.30 -21.30
CA PRO B 52 26.74 3.84 -22.43
C PRO B 52 26.85 2.32 -22.46
N ALA B 64 13.31 8.77 -31.49
CA ALA B 64 14.30 9.84 -31.44
C ALA B 64 13.82 11.06 -32.22
N GLN B 65 14.02 11.04 -33.54
CA GLN B 65 13.49 12.09 -34.39
C GLN B 65 11.97 12.03 -34.49
N VAL B 66 11.38 10.88 -34.16
CA VAL B 66 9.92 10.78 -34.19
C VAL B 66 9.32 11.62 -33.06
N MET B 67 9.89 11.51 -31.85
CA MET B 67 9.42 12.35 -30.74
C MET B 67 9.57 13.83 -31.07
N LYS B 68 10.56 14.20 -31.88
CA LYS B 68 10.65 15.58 -32.35
C LYS B 68 9.43 15.97 -33.18
N LYS B 69 8.71 15.00 -33.74
CA LYS B 69 7.60 15.28 -34.63
C LYS B 69 6.23 15.30 -33.95
N LEU B 70 6.11 14.78 -32.73
CA LEU B 70 4.76 14.52 -32.20
C LEU B 70 4.04 15.81 -31.81
N ARG B 71 4.55 16.54 -30.83
CA ARG B 71 4.01 17.88 -30.54
C ARG B 71 2.50 17.94 -30.31
N HIS B 72 2.07 17.64 -29.10
CA HIS B 72 0.69 17.85 -28.70
C HIS B 72 0.70 18.36 -27.26
N GLU B 73 -0.30 19.18 -26.93
CA GLU B 73 -0.32 19.78 -25.60
C GLU B 73 -0.39 18.73 -24.49
N LYS B 74 -0.90 17.53 -24.76
CA LYS B 74 -1.05 16.50 -23.74
C LYS B 74 0.01 15.41 -23.84
N LEU B 75 1.09 15.68 -24.56
CA LEU B 75 2.24 14.79 -24.68
C LEU B 75 3.47 15.56 -24.21
N VAL B 76 4.24 14.96 -23.30
CA VAL B 76 5.47 15.60 -22.82
C VAL B 76 6.34 15.95 -24.00
N GLN B 77 6.74 17.22 -24.08
CA GLN B 77 7.41 17.73 -25.28
C GLN B 77 8.92 17.53 -25.17
N LEU B 78 9.53 17.05 -26.25
CA LEU B 78 10.97 17.04 -26.37
C LEU B 78 11.51 18.44 -26.60
N TYR B 79 12.58 18.79 -25.88
CA TYR B 79 13.25 20.10 -25.98
C TYR B 79 14.59 20.02 -26.70
N ALA B 80 15.42 19.05 -26.37
CA ALA B 80 16.75 19.05 -26.97
C ALA B 80 17.37 17.68 -26.76
N VAL B 81 18.48 17.43 -27.45
CA VAL B 81 19.22 16.19 -27.29
C VAL B 81 20.72 16.45 -27.28
N VAL B 82 21.44 15.58 -26.60
CA VAL B 82 22.88 15.38 -26.78
C VAL B 82 22.99 13.97 -27.35
N SER B 83 23.26 13.87 -28.66
CA SER B 83 23.00 12.65 -29.41
C SER B 83 24.21 11.72 -29.54
N GLU B 84 25.36 12.08 -28.99
CA GLU B 84 26.50 11.16 -28.90
C GLU B 84 26.71 10.75 -27.45
N GLU B 85 27.08 9.49 -27.27
CA GLU B 85 27.24 8.91 -25.93
C GLU B 85 28.25 9.69 -25.09
N PRO B 86 27.95 9.89 -23.80
CA PRO B 86 26.69 9.56 -23.14
C PRO B 86 25.53 10.43 -23.62
N ILE B 87 24.41 9.81 -23.93
CA ILE B 87 23.28 10.52 -24.53
C ILE B 87 22.44 11.16 -23.44
N TYR B 88 21.92 12.36 -23.72
CA TYR B 88 20.96 13.04 -22.86
C TYR B 88 19.76 13.46 -23.68
N ILE B 89 18.59 13.26 -23.11
CA ILE B 89 17.33 13.66 -23.72
C ILE B 89 16.67 14.68 -22.80
N VAL B 90 16.40 15.86 -23.32
CA VAL B 90 15.87 16.96 -22.52
C VAL B 90 14.41 17.16 -22.90
N MET B 91 13.53 17.15 -21.90
CA MET B 91 12.12 17.30 -22.17
C MET B 91 11.47 18.19 -21.12
N GLU B 92 10.25 18.60 -21.44
CA GLU B 92 9.45 19.42 -20.54
C GLU B 92 9.35 18.74 -19.17
N TYR B 93 9.44 19.53 -18.10
CA TYR B 93 9.39 19.01 -16.74
C TYR B 93 7.95 19.03 -16.21
N MET B 94 7.52 17.90 -15.67
CA MET B 94 6.20 17.75 -15.04
C MET B 94 6.40 17.68 -13.53
N SER B 95 5.97 18.74 -12.84
CA SER B 95 6.39 19.00 -11.48
C SER B 95 5.80 18.05 -10.44
N LYS B 96 4.67 17.41 -10.72
CA LYS B 96 4.02 16.57 -9.72
C LYS B 96 4.32 15.09 -9.89
N GLY B 97 5.17 14.70 -10.83
CA GLY B 97 5.58 13.31 -10.93
C GLY B 97 4.55 12.41 -11.63
N CYS B 98 4.71 11.11 -11.45
CA CYS B 98 3.85 10.15 -12.12
C CYS B 98 2.47 10.11 -11.47
N LEU B 99 1.47 9.86 -12.32
CA LEU B 99 0.07 9.87 -11.89
C LEU B 99 -0.21 8.83 -10.82
N LEU B 100 0.34 7.61 -10.99
CA LEU B 100 0.22 6.57 -9.99
C LEU B 100 0.55 7.09 -8.58
N ASP B 101 1.73 7.72 -8.41
CA ASP B 101 2.09 8.16 -7.07
C ASP B 101 1.27 9.37 -6.62
N PHE B 102 0.84 10.20 -7.57
CA PHE B 102 -0.02 11.32 -7.28
C PHE B 102 -1.35 10.85 -6.70
N LEU B 103 -1.92 9.79 -7.28
CA LEU B 103 -3.21 9.28 -6.82
C LEU B 103 -3.10 8.60 -5.46
N LYS B 104 -1.97 7.93 -5.21
CA LYS B 104 -1.75 7.17 -3.97
C LYS B 104 -1.39 8.08 -2.80
N GLY B 105 -0.91 9.29 -3.08
CA GLY B 105 -0.30 10.14 -2.09
C GLY B 105 -1.27 11.13 -1.48
N GLU B 106 -0.68 12.20 -0.93
CA GLU B 106 -1.44 13.21 -0.20
C GLU B 106 -2.63 13.75 -0.99
N MET B 107 -2.45 13.92 -2.30
CA MET B 107 -3.48 14.57 -3.09
C MET B 107 -4.71 13.70 -3.33
N GLY B 108 -4.60 12.39 -3.15
CA GLY B 108 -5.70 11.51 -3.53
C GLY B 108 -6.96 11.75 -2.73
N LYS B 109 -6.81 12.10 -1.45
CA LYS B 109 -7.98 12.34 -0.61
C LYS B 109 -8.79 13.54 -1.07
N TYR B 110 -8.19 14.46 -1.82
CA TYR B 110 -8.96 15.61 -2.27
C TYR B 110 -9.55 15.43 -3.66
N LEU B 111 -9.05 14.48 -4.43
CA LEU B 111 -9.57 14.24 -5.78
C LEU B 111 -10.92 13.56 -5.70
N ARG B 112 -11.89 14.10 -6.41
CA ARG B 112 -13.19 13.47 -6.54
C ARG B 112 -13.48 13.27 -8.02
N LEU B 113 -14.66 12.74 -8.32
CA LEU B 113 -14.95 12.35 -9.71
C LEU B 113 -14.76 13.49 -10.72
N PRO B 114 -15.10 14.76 -10.45
CA PRO B 114 -14.88 15.78 -11.49
C PRO B 114 -13.42 15.99 -11.83
N GLN B 115 -12.51 15.91 -10.85
CA GLN B 115 -11.08 16.04 -11.15
C GLN B 115 -10.56 14.81 -11.89
N LEU B 116 -10.92 13.60 -11.43
CA LEU B 116 -10.41 12.37 -12.03
C LEU B 116 -10.89 12.19 -13.46
N VAL B 117 -12.14 12.57 -13.74
CA VAL B 117 -12.66 12.47 -15.11
C VAL B 117 -11.99 13.52 -16.00
N ASP B 118 -11.74 14.72 -15.47
CA ASP B 118 -10.99 15.69 -16.26
C ASP B 118 -9.58 15.20 -16.56
N MET B 119 -8.94 14.57 -15.58
CA MET B 119 -7.64 13.99 -15.85
C MET B 119 -7.71 12.92 -16.93
N ALA B 120 -8.74 12.08 -16.87
CA ALA B 120 -8.88 11.06 -17.91
C ALA B 120 -9.15 11.70 -19.26
N ALA B 121 -9.89 12.81 -19.28
CA ALA B 121 -10.19 13.47 -20.56
C ALA B 121 -8.91 14.04 -21.18
N GLN B 122 -7.99 14.54 -20.36
CA GLN B 122 -6.71 15.01 -20.88
C GLN B 122 -5.89 13.87 -21.45
N ILE B 123 -5.85 12.73 -20.74
CA ILE B 123 -5.11 11.58 -21.25
C ILE B 123 -5.73 11.07 -22.56
N ALA B 124 -7.07 11.00 -22.60
CA ALA B 124 -7.77 10.66 -23.85
C ALA B 124 -7.42 11.62 -24.97
N SER B 125 -7.28 12.92 -24.66
CA SER B 125 -6.94 13.87 -25.71
C SER B 125 -5.51 13.64 -26.22
N GLY B 126 -4.56 13.38 -25.32
CA GLY B 126 -3.24 12.97 -25.77
C GLY B 126 -3.28 11.71 -26.61
N MET B 127 -4.10 10.74 -26.21
CA MET B 127 -4.13 9.48 -26.94
C MET B 127 -4.93 9.60 -28.23
N ALA B 128 -5.89 10.53 -28.29
CA ALA B 128 -6.57 10.78 -29.55
C ALA B 128 -5.59 11.34 -30.57
N TYR B 129 -4.62 12.13 -30.11
CA TYR B 129 -3.59 12.62 -31.01
C TYR B 129 -2.68 11.47 -31.48
N VAL B 130 -2.26 10.61 -30.56
CA VAL B 130 -1.50 9.41 -30.91
C VAL B 130 -2.26 8.59 -31.95
N GLU B 131 -3.58 8.49 -31.75
CA GLU B 131 -4.46 7.77 -32.66
C GLU B 131 -4.50 8.45 -34.03
N ARG B 132 -4.66 9.78 -34.06
CA ARG B 132 -4.71 10.48 -35.36
C ARG B 132 -3.41 10.30 -36.12
N MET B 133 -2.29 10.21 -35.41
CA MET B 133 -0.99 10.11 -36.04
C MET B 133 -0.63 8.68 -36.41
N ASN B 134 -1.52 7.72 -36.16
CA ASN B 134 -1.27 6.30 -36.47
C ASN B 134 -0.07 5.75 -35.70
N TYR B 135 0.04 6.12 -34.43
CA TYR B 135 1.01 5.49 -33.55
C TYR B 135 0.29 4.61 -32.54
N VAL B 136 1.11 3.88 -31.77
CA VAL B 136 0.65 3.01 -30.70
C VAL B 136 1.53 3.23 -29.49
N HIS B 137 0.92 3.33 -28.31
CA HIS B 137 1.69 3.60 -27.09
C HIS B 137 2.35 2.34 -26.53
N ARG B 138 1.54 1.30 -26.32
CA ARG B 138 1.89 -0.06 -25.89
C ARG B 138 2.07 -0.19 -24.38
N ASP B 139 2.12 0.90 -23.62
CA ASP B 139 2.23 0.76 -22.15
C ASP B 139 1.52 1.89 -21.44
N LEU B 140 0.27 2.12 -21.81
CA LEU B 140 -0.56 3.15 -21.19
C LEU B 140 -1.03 2.65 -19.83
N ARG B 141 -0.71 3.42 -18.77
CA ARG B 141 -1.09 3.11 -17.39
C ARG B 141 -0.63 4.27 -16.54
N ALA B 142 -1.20 4.37 -15.33
CA ALA B 142 -0.97 5.55 -14.50
C ALA B 142 0.50 5.77 -14.17
N ALA B 143 1.30 4.70 -14.11
CA ALA B 143 2.73 4.87 -13.83
C ALA B 143 3.44 5.61 -14.97
N ASN B 144 2.84 5.65 -16.16
CA ASN B 144 3.46 6.28 -17.32
C ASN B 144 2.75 7.55 -17.76
N ILE B 145 1.88 8.10 -16.92
CA ILE B 145 1.33 9.43 -17.11
C ILE B 145 2.01 10.35 -16.10
N LEU B 146 2.28 11.59 -16.51
CA LEU B 146 2.93 12.59 -15.67
C LEU B 146 1.97 13.73 -15.38
N VAL B 147 2.07 14.27 -14.17
CA VAL B 147 1.17 15.31 -13.68
C VAL B 147 1.98 16.59 -13.47
N GLY B 148 1.35 17.72 -13.76
CA GLY B 148 1.99 19.02 -13.59
C GLY B 148 1.11 19.91 -12.76
N GLU B 149 1.35 21.22 -12.82
CA GLU B 149 0.52 22.16 -12.08
C GLU B 149 -0.89 22.16 -12.65
N ASN B 150 -1.85 22.56 -11.82
CA ASN B 150 -3.24 22.72 -12.23
C ASN B 150 -3.85 21.41 -12.75
N LEU B 151 -3.44 20.28 -12.17
CA LEU B 151 -3.91 18.94 -12.54
C LEU B 151 -3.71 18.63 -14.02
N VAL B 152 -2.69 19.20 -14.66
CA VAL B 152 -2.41 18.86 -16.04
C VAL B 152 -1.84 17.44 -16.08
N CYS B 153 -2.36 16.62 -16.98
CA CYS B 153 -1.84 15.27 -17.14
C CYS B 153 -1.38 15.08 -18.57
N LYS B 154 -0.23 14.44 -18.74
CA LYS B 154 0.32 14.25 -20.08
C LYS B 154 0.86 12.82 -20.24
N VAL B 155 0.73 12.34 -21.48
CA VAL B 155 1.31 11.06 -21.86
C VAL B 155 2.83 11.19 -21.95
N ALA B 156 3.52 10.17 -21.43
CA ALA B 156 4.97 10.11 -21.41
C ALA B 156 5.42 8.66 -21.59
N ASP B 157 6.73 8.46 -21.55
CA ASP B 157 7.36 7.14 -21.64
C ASP B 157 6.85 6.39 -22.87
N PHE B 158 6.89 7.07 -24.01
CA PHE B 158 6.41 6.49 -25.25
C PHE B 158 7.43 5.53 -25.85
N PRO B 178 3.41 -5.46 -18.18
CA PRO B 178 2.33 -5.47 -17.19
C PRO B 178 1.05 -6.11 -17.76
N ILE B 179 0.89 -7.41 -17.45
CA ILE B 179 -0.22 -8.19 -17.98
C ILE B 179 -1.56 -7.55 -17.64
N LYS B 180 -1.69 -6.98 -16.44
CA LYS B 180 -2.99 -6.51 -15.98
C LYS B 180 -3.51 -5.31 -16.76
N TRP B 181 -2.65 -4.59 -17.48
CA TRP B 181 -3.06 -3.47 -18.32
C TRP B 181 -3.12 -3.79 -19.81
N THR B 182 -2.76 -5.00 -20.21
CA THR B 182 -2.59 -5.31 -21.62
C THR B 182 -3.80 -6.06 -22.13
N ALA B 183 -4.32 -5.63 -23.29
CA ALA B 183 -5.42 -6.33 -23.92
C ALA B 183 -5.03 -7.78 -24.20
N PRO B 184 -5.94 -8.74 -24.03
CA PRO B 184 -5.58 -10.15 -24.26
C PRO B 184 -4.97 -10.43 -25.62
N GLU B 185 -5.46 -9.81 -26.71
CA GLU B 185 -4.91 -10.12 -28.02
C GLU B 185 -3.49 -9.61 -28.17
N ALA B 186 -3.11 -8.58 -27.40
CA ALA B 186 -1.74 -8.11 -27.42
C ALA B 186 -0.84 -8.99 -26.56
N ALA B 187 -1.33 -9.41 -25.38
CA ALA B 187 -0.51 -10.24 -24.51
C ALA B 187 -0.34 -11.64 -25.09
N LEU B 188 -1.40 -12.20 -25.67
CA LEU B 188 -1.38 -13.58 -26.15
C LEU B 188 -0.74 -13.68 -27.52
N TYR B 189 -1.08 -12.77 -28.44
CA TYR B 189 -0.73 -12.88 -29.84
C TYR B 189 0.16 -11.74 -30.35
N GLY B 190 0.57 -10.81 -29.49
CA GLY B 190 1.41 -9.72 -29.93
C GLY B 190 0.70 -8.71 -30.80
N ARG B 191 -0.62 -8.71 -30.79
CA ARG B 191 -1.39 -7.79 -31.63
C ARG B 191 -1.56 -6.47 -30.87
N PHE B 192 -0.52 -5.64 -30.90
CA PHE B 192 -0.54 -4.32 -30.27
C PHE B 192 -1.05 -3.28 -31.28
N THR B 193 -2.15 -2.61 -30.96
CA THR B 193 -2.72 -1.59 -31.84
C THR B 193 -3.24 -0.45 -30.98
N ILE B 194 -3.83 0.56 -31.63
CA ILE B 194 -4.48 1.62 -30.88
C ILE B 194 -5.65 1.07 -30.09
N LYS B 195 -6.25 -0.04 -30.54
CA LYS B 195 -7.34 -0.62 -29.77
C LYS B 195 -6.85 -1.37 -28.54
N SER B 196 -5.62 -1.89 -28.55
CA SER B 196 -5.13 -2.43 -27.28
C SER B 196 -4.73 -1.30 -26.34
N ASP B 197 -4.35 -0.13 -26.87
CA ASP B 197 -4.22 1.05 -26.01
C ASP B 197 -5.56 1.47 -25.41
N VAL B 198 -6.66 1.34 -26.16
CA VAL B 198 -7.97 1.67 -25.58
C VAL B 198 -8.30 0.74 -24.43
N TRP B 199 -7.99 -0.54 -24.58
CA TRP B 199 -8.16 -1.47 -23.47
C TRP B 199 -7.37 -0.99 -22.23
N SER B 200 -6.10 -0.61 -22.43
CA SER B 200 -5.28 -0.15 -21.30
C SER B 200 -5.86 1.11 -20.70
N PHE B 201 -6.45 1.97 -21.53
CA PHE B 201 -7.11 3.16 -21.01
C PHE B 201 -8.26 2.79 -20.08
N GLY B 202 -9.03 1.75 -20.44
CA GLY B 202 -10.07 1.28 -19.55
C GLY B 202 -9.51 0.87 -18.20
N ILE B 203 -8.38 0.16 -18.21
CA ILE B 203 -7.75 -0.20 -16.93
C ILE B 203 -7.32 1.07 -16.17
N LEU B 204 -6.74 2.03 -16.89
CA LEU B 204 -6.33 3.30 -16.27
C LEU B 204 -7.50 4.00 -15.62
N LEU B 205 -8.70 3.92 -16.22
CA LEU B 205 -9.88 4.50 -15.56
C LEU B 205 -10.12 3.87 -14.18
N THR B 206 -9.86 2.58 -14.02
CA THR B 206 -10.03 1.97 -12.69
C THR B 206 -8.97 2.45 -11.72
N GLU B 207 -7.73 2.67 -12.19
CA GLU B 207 -6.71 3.27 -11.34
C GLU B 207 -7.13 4.66 -10.88
N LEU B 208 -7.72 5.45 -11.77
CA LEU B 208 -8.19 6.77 -11.38
C LEU B 208 -9.28 6.66 -10.31
N THR B 209 -10.29 5.82 -10.56
CA THR B 209 -11.43 5.80 -9.65
C THR B 209 -11.16 5.05 -8.35
N THR B 210 -10.10 4.24 -8.27
CA THR B 210 -9.68 3.64 -7.00
C THR B 210 -8.54 4.41 -6.35
N LYS B 211 -8.21 5.60 -6.83
CA LYS B 211 -7.05 6.39 -6.37
C LYS B 211 -5.78 5.54 -6.39
N GLY B 212 -5.58 4.80 -7.46
CA GLY B 212 -4.30 4.20 -7.74
C GLY B 212 -4.09 2.76 -7.30
N ARG B 213 -5.13 2.04 -6.88
CA ARG B 213 -4.93 0.65 -6.50
C ARG B 213 -4.59 -0.19 -7.72
N VAL B 214 -3.86 -1.26 -7.49
CA VAL B 214 -3.56 -2.25 -8.54
C VAL B 214 -4.85 -2.86 -9.04
N PRO B 215 -5.05 -2.96 -10.34
CA PRO B 215 -6.27 -3.60 -10.84
C PRO B 215 -6.29 -5.10 -10.53
N TYR B 216 -7.48 -5.68 -10.67
CA TYR B 216 -7.73 -7.08 -10.33
C TYR B 216 -7.16 -7.45 -8.97
N PRO B 217 -7.59 -6.79 -7.89
CA PRO B 217 -6.94 -6.98 -6.59
C PRO B 217 -6.98 -8.44 -6.14
N GLY B 218 -5.85 -8.90 -5.58
CA GLY B 218 -5.74 -10.27 -5.12
C GLY B 218 -5.66 -11.33 -6.19
N MET B 219 -5.68 -10.97 -7.46
CA MET B 219 -5.40 -11.90 -8.55
C MET B 219 -3.95 -11.72 -9.00
N VAL B 220 -3.28 -12.84 -9.26
CA VAL B 220 -1.93 -12.80 -9.83
C VAL B 220 -2.10 -12.84 -11.34
N ASN B 221 -1.03 -12.52 -12.07
CA ASN B 221 -1.18 -12.28 -13.51
C ASN B 221 -1.58 -13.55 -14.26
N ARG B 222 -0.97 -14.69 -13.96
CA ARG B 222 -1.40 -15.94 -14.60
C ARG B 222 -2.89 -16.16 -14.39
N GLU B 223 -3.42 -15.72 -13.26
CA GLU B 223 -4.86 -15.79 -13.03
C GLU B 223 -5.62 -14.82 -13.93
N VAL B 224 -5.01 -13.67 -14.26
CA VAL B 224 -5.74 -12.60 -14.96
C VAL B 224 -6.01 -12.97 -16.41
N LEU B 225 -4.97 -13.42 -17.12
CA LEU B 225 -5.12 -13.70 -18.54
C LEU B 225 -6.22 -14.74 -18.79
N ASP B 226 -6.23 -15.81 -18.00
CA ASP B 226 -7.25 -16.85 -18.19
C ASP B 226 -8.63 -16.36 -17.80
N GLN B 227 -8.72 -15.56 -16.73
CA GLN B 227 -10.00 -14.99 -16.32
C GLN B 227 -10.56 -14.06 -17.39
N VAL B 228 -9.74 -13.11 -17.88
CA VAL B 228 -10.27 -12.18 -18.87
C VAL B 228 -10.65 -12.91 -20.16
N GLU B 229 -9.93 -13.99 -20.48
CA GLU B 229 -10.28 -14.77 -21.68
C GLU B 229 -11.64 -15.44 -21.54
N ARG B 230 -11.98 -15.92 -20.34
CA ARG B 230 -13.29 -16.47 -20.08
C ARG B 230 -14.39 -15.41 -19.91
N GLY B 231 -14.05 -14.13 -19.98
CA GLY B 231 -15.04 -13.07 -19.94
C GLY B 231 -15.15 -12.31 -18.64
N TYR B 232 -14.28 -12.59 -17.66
CA TYR B 232 -14.28 -11.80 -16.42
C TYR B 232 -13.85 -10.37 -16.71
N ARG B 233 -14.50 -9.42 -16.01
CA ARG B 233 -14.11 -8.02 -16.03
C ARG B 233 -14.25 -7.47 -14.62
N MET B 234 -13.39 -6.52 -14.29
CA MET B 234 -13.50 -5.84 -13.00
C MET B 234 -14.91 -5.29 -12.81
N PRO B 235 -15.46 -5.35 -11.61
CA PRO B 235 -16.77 -4.77 -11.35
C PRO B 235 -16.64 -3.26 -11.15
N CYS B 236 -17.79 -2.63 -10.98
CA CYS B 236 -17.85 -1.18 -10.82
C CYS B 236 -17.19 -0.79 -9.51
N PRO B 237 -16.17 0.08 -9.52
CA PRO B 237 -15.53 0.46 -8.27
C PRO B 237 -16.51 1.17 -7.36
N PRO B 238 -16.27 1.13 -6.05
CA PRO B 238 -17.17 1.80 -5.09
C PRO B 238 -17.25 3.30 -5.36
N GLU B 239 -18.49 3.81 -5.38
CA GLU B 239 -18.89 5.18 -5.65
C GLU B 239 -18.68 5.61 -7.11
N CYS B 240 -18.19 4.73 -7.96
CA CYS B 240 -18.08 5.05 -9.38
C CYS B 240 -19.44 4.92 -10.05
N PRO B 241 -19.89 5.91 -10.82
CA PRO B 241 -21.18 5.76 -11.50
C PRO B 241 -21.15 4.62 -12.50
N GLU B 242 -22.29 3.93 -12.60
CA GLU B 242 -22.40 2.82 -13.55
C GLU B 242 -22.09 3.28 -14.97
N SER B 243 -22.43 4.52 -15.33
CA SER B 243 -22.15 4.98 -16.69
C SER B 243 -20.64 5.03 -16.96
N LEU B 244 -19.83 5.33 -15.95
CA LEU B 244 -18.38 5.33 -16.19
C LEU B 244 -17.84 3.90 -16.23
N HIS B 245 -18.39 3.01 -15.39
CA HIS B 245 -18.03 1.60 -15.52
C HIS B 245 -18.50 1.01 -16.84
N ASP B 246 -19.63 1.47 -17.39
CA ASP B 246 -20.02 1.01 -18.71
CA ASP B 246 -20.04 1.03 -18.72
C ASP B 246 -18.99 1.41 -19.75
N LEU B 247 -18.42 2.62 -19.64
CA LEU B 247 -17.36 3.03 -20.55
C LEU B 247 -16.14 2.11 -20.43
N MET B 248 -15.75 1.79 -19.19
CA MET B 248 -14.65 0.84 -19.02
C MET B 248 -14.93 -0.47 -19.74
N CYS B 249 -16.16 -0.97 -19.62
CA CYS B 249 -16.50 -2.27 -20.21
C CYS B 249 -16.47 -2.22 -21.73
N GLN B 250 -16.77 -1.07 -22.34
CA GLN B 250 -16.62 -0.91 -23.79
C GLN B 250 -15.15 -0.95 -24.19
N CYS B 251 -14.27 -0.34 -23.38
CA CYS B 251 -12.84 -0.43 -23.63
C CYS B 251 -12.34 -1.87 -23.53
N TRP B 252 -13.03 -2.72 -22.75
CA TRP B 252 -12.61 -4.11 -22.55
C TRP B 252 -13.41 -5.09 -23.40
N ARG B 253 -14.01 -4.64 -24.50
CA ARG B 253 -14.68 -5.57 -25.39
C ARG B 253 -13.66 -6.56 -25.97
N LYS B 254 -14.06 -7.84 -26.01
CA LYS B 254 -13.18 -8.87 -26.53
C LYS B 254 -12.72 -8.56 -27.95
N ASP B 255 -13.63 -8.12 -28.82
CA ASP B 255 -13.25 -7.75 -30.19
C ASP B 255 -12.67 -6.34 -30.19
N PRO B 256 -11.42 -6.14 -30.60
CA PRO B 256 -10.82 -4.82 -30.48
C PRO B 256 -11.47 -3.79 -31.37
N GLU B 257 -12.04 -4.19 -32.51
CA GLU B 257 -12.69 -3.21 -33.38
C GLU B 257 -14.02 -2.71 -32.81
N GLU B 258 -14.59 -3.39 -31.80
CA GLU B 258 -15.78 -2.90 -31.11
C GLU B 258 -15.46 -1.94 -29.97
N ARG B 259 -14.20 -1.72 -29.67
CA ARG B 259 -13.87 -0.76 -28.63
C ARG B 259 -13.94 0.66 -29.18
N PRO B 260 -14.24 1.62 -28.33
CA PRO B 260 -14.35 3.01 -28.79
C PRO B 260 -13.00 3.57 -29.22
N THR B 261 -13.08 4.62 -30.04
CA THR B 261 -11.89 5.40 -30.37
C THR B 261 -11.55 6.36 -29.24
N PHE B 262 -10.30 6.81 -29.23
CA PHE B 262 -9.93 7.84 -28.28
C PHE B 262 -10.63 9.15 -28.60
N GLU B 263 -10.90 9.43 -29.88
CA GLU B 263 -11.76 10.57 -30.21
C GLU B 263 -13.07 10.50 -29.45
N TYR B 264 -13.73 9.34 -29.48
CA TYR B 264 -14.99 9.18 -28.74
C TYR B 264 -14.77 9.34 -27.23
N LEU B 265 -13.73 8.68 -26.70
CA LEU B 265 -13.49 8.73 -25.25
C LEU B 265 -13.23 10.16 -24.79
N GLN B 266 -12.44 10.93 -25.55
CA GLN B 266 -12.19 12.31 -25.16
C GLN B 266 -13.49 13.11 -25.09
N ALA B 267 -14.34 12.98 -26.12
CA ALA B 267 -15.60 13.74 -26.14
C ALA B 267 -16.54 13.33 -25.01
N PHE B 268 -16.61 12.02 -24.76
CA PHE B 268 -17.47 11.49 -23.70
C PHE B 268 -17.03 12.05 -22.34
N LEU B 269 -15.71 12.02 -22.07
CA LEU B 269 -15.21 12.41 -20.76
C LEU B 269 -15.25 13.93 -20.56
N GLU B 270 -14.97 14.70 -21.63
CA GLU B 270 -15.12 16.15 -21.55
C GLU B 270 -16.55 16.59 -21.26
N ASP B 271 -17.52 15.91 -21.84
CA ASP B 271 -18.92 16.31 -21.68
C ASP B 271 -19.61 15.60 -20.51
N TYR B 272 -18.85 14.84 -19.71
CA TYR B 272 -19.45 13.82 -18.87
C TYR B 272 -20.47 14.39 -17.89
N PHE B 273 -20.12 15.49 -17.21
CA PHE B 273 -21.05 15.99 -16.18
C PHE B 273 -22.22 16.78 -16.73
N THR B 274 -22.25 17.08 -18.02
CA THR B 274 -23.48 17.64 -18.58
C THR B 274 -24.30 16.59 -19.30
N SER B 275 -23.68 15.78 -20.15
CA SER B 275 -24.38 14.87 -21.03
C SER B 275 -24.72 13.54 -20.39
N THR B 276 -23.91 13.06 -19.45
CA THR B 276 -24.00 11.69 -19.01
C THR B 276 -24.43 11.56 -17.57
N GLU B 277 -23.88 12.35 -16.64
CA GLU B 277 -24.32 12.35 -15.25
C GLU B 277 -24.66 13.77 -14.80
N PRO B 278 -25.76 14.34 -15.32
CA PRO B 278 -26.12 15.71 -14.93
C PRO B 278 -26.64 15.81 -13.51
N GLN B 279 -26.91 14.68 -12.85
CA GLN B 279 -27.35 14.71 -11.47
C GLN B 279 -26.29 14.19 -10.51
N TYR B 280 -25.02 14.19 -10.92
CA TYR B 280 -23.94 13.77 -10.04
C TYR B 280 -23.95 14.57 -8.73
N GLN B 281 -23.77 13.87 -7.60
CA GLN B 281 -23.56 14.53 -6.31
C GLN B 281 -22.27 14.03 -5.68
N PRO B 282 -21.43 14.92 -5.16
CA PRO B 282 -20.16 14.47 -4.57
C PRO B 282 -20.41 13.53 -3.40
N GLY B 283 -19.50 12.58 -3.24
CA GLY B 283 -19.56 11.64 -2.14
C GLY B 283 -18.31 11.66 -1.29
N GLU B 284 -18.12 10.61 -0.50
CA GLU B 284 -16.99 10.58 0.42
C GLU B 284 -15.67 10.48 -0.33
N ASN B 285 -15.57 9.55 -1.28
CA ASN B 285 -14.33 9.38 -2.01
C ASN B 285 -14.40 9.82 -3.48
N LEU B 286 -15.56 9.77 -4.11
CA LEU B 286 -15.67 10.20 -5.52
C LEU B 286 -16.78 11.19 -5.69
C4 GUW C . -1.18 -18.88 20.43
C5 GUW C . -0.80 -18.15 21.52
C6 GUW C . -1.72 -17.35 22.10
N1 GUW C . -3.00 -17.29 21.65
N3 GUW C . -2.46 -18.87 19.95
CAH GUW C . 0.91 -19.29 20.78
CAI GUW C . 0.53 -18.42 21.73
CAK GUW C . 1.42 -17.91 22.68
CAL GUW C . 2.72 -17.48 22.30
CAM GUW C . 3.67 -16.96 23.19
CAN GUW C . 3.30 -16.87 24.55
CAO GUW C . 2.02 -17.28 24.94
CAP GUW C . 1.11 -17.79 24.02
CAR GUW C . -2.44 -15.74 23.59
CAS GUW C . 5.42 -15.30 22.99
CAT GUW C . 6.88 -15.05 22.51
CAV GUW C . 6.87 -14.05 21.32
NAG GUW C . -0.15 -19.58 20.00
NAQ GUW C . 4.93 -16.58 22.81
OAJ GUW C . -1.37 -16.61 23.18
OAU GUW C . 4.81 -14.37 23.49
C2 GUW C . -3.39 -18.03 20.55
C4 GUW D . 8.98 14.34 -14.96
C5 GUW D . 9.41 13.08 -15.20
C6 GUW D . 9.76 12.76 -16.47
N1 GUW D . 9.71 13.65 -17.48
N3 GUW D . 8.92 15.27 -15.94
CAH GUW D . 8.90 13.28 -13.08
CAI GUW D . 9.34 12.42 -14.01
CAK GUW D . 9.64 11.14 -13.65
CAL GUW D . 8.82 10.48 -12.71
CAM GUW D . 9.08 9.17 -12.26
CAN GUW D . 10.23 8.54 -12.76
CAO GUW D . 11.05 9.18 -13.67
CAP GUW D . 10.77 10.48 -14.12
CAR GUW D . 10.42 11.26 -18.13
CAS GUW D . 7.78 7.31 -11.53
CAT GUW D . 6.88 6.75 -10.40
CAV GUW D . 5.46 6.51 -11.00
NAG GUW D . 8.67 14.46 -13.67
NAQ GUW D . 8.27 8.55 -11.35
OAJ GUW D . 10.18 11.48 -16.73
OAU GUW D . 7.94 6.63 -12.55
C2 GUW D . 9.25 14.95 -17.24
#